data_6G17
#
_entry.id   6G17
#
_cell.length_a   111.767
_cell.length_b   111.767
_cell.length_c   137.215
_cell.angle_alpha   90.00
_cell.angle_beta   90.00
_cell.angle_gamma   120.00
#
_symmetry.space_group_name_H-M   'P 31 2 1'
#
loop_
_entity.id
_entity.type
_entity.pdbx_description
1 polymer Acetylcholinesterase
2 non-polymer 'R-ETHYL N,N-DIMETHYLPHOSPHONAMIDATE'
3 non-polymer 2-acetamido-2-deoxy-beta-D-glucopyranose
4 non-polymer 1,2-ETHANEDIOL
5 non-polymer 'TRIETHYLENE GLYCOL'
6 non-polymer DI(HYDROXYETHYL)ETHER
7 water water
#
_entity_poly.entity_id   1
_entity_poly.type   'polypeptide(L)'
_entity_poly.pdbx_seq_one_letter_code
;DDHSELLVNTKSGKVMGTRVPVLSSHISAFLGIPFAEPPVGNMRFRRPEPKKPWSGVWNASTYPNNCQQYVDEQFPGFSG
SEMWNPNREMSEDCLYLNIWVPSPRPKSTTVMVWIYGGGFYSGSSTLDVYNGKYLAYTEEVVLVSLSYRVGAFGFLALHG
SQEAPGNVGLLDQRMALQWVHDNIQFFGGDPKTVTIFGESAGGASVGMHILSPGSRDLFRRAILQSGSPNCPWASVSVAE
GRRRAVELGRNLNCNLNSDEELIHCLREKKPQELIDVEWNVLPFDSIFRFSFVPVIDGEFFPTSLESMLNSGNFKKTQIL
LGVNKDEGSFFLLYGAPGFSKDSESKISREDFMSGVKLSVPHANDLGLDAVTLQYTDWMDDNNGIKNRDGLDDIVGDHNV
ICPLMHFVNKYTKFGNGTYLYFFNHRASNLVWPEWMGVIHGYEIEFVFGLPLVKELNYTAEEEALSRRIMHYWATFAKTG
NPNEPHSQESKWPLFTTKEQKFIDLNTEPMKVHQRLRVQMCVFWNQFLPKLLNATAC
;
_entity_poly.pdbx_strand_id   A
#
loop_
_chem_comp.id
_chem_comp.type
_chem_comp.name
_chem_comp.formula
EDO non-polymer 1,2-ETHANEDIOL 'C2 H6 O2'
NAG D-saccharide, beta linking 2-acetamido-2-deoxy-beta-D-glucopyranose 'C8 H15 N O6'
NTJ non-polymer 'R-ETHYL N,N-DIMETHYLPHOSPHONAMIDATE' 'C4 H12 N O2 P'
PEG non-polymer DI(HYDROXYETHYL)ETHER 'C4 H10 O3'
PGE non-polymer 'TRIETHYLENE GLYCOL' 'C6 H14 O4'
#
# COMPACT_ATOMS: atom_id res chain seq x y z
N SER A 4 -5.61 -33.56 -12.59
CA SER A 4 -6.25 -33.02 -11.40
C SER A 4 -6.29 -31.49 -11.41
N GLU A 5 -7.36 -30.96 -10.82
CA GLU A 5 -7.58 -29.51 -10.77
C GLU A 5 -6.56 -28.78 -9.90
N LEU A 6 -5.90 -29.49 -8.99
CA LEU A 6 -4.90 -28.89 -8.12
C LEU A 6 -3.50 -28.94 -8.70
N LEU A 7 -3.35 -29.44 -9.90
CA LEU A 7 -2.03 -29.53 -10.53
C LEU A 7 -2.03 -28.65 -11.78
N VAL A 8 -1.07 -27.72 -11.83
CA VAL A 8 -0.97 -26.73 -12.90
C VAL A 8 0.45 -26.76 -13.43
N ASN A 9 0.60 -27.05 -14.72
CA ASN A 9 1.91 -26.98 -15.36
CA ASN A 9 1.90 -26.99 -15.38
C ASN A 9 2.14 -25.54 -15.81
N THR A 10 3.18 -24.92 -15.27
CA THR A 10 3.53 -23.56 -15.63
C THR A 10 4.85 -23.57 -16.39
N LYS A 11 5.18 -22.43 -16.98
CA LYS A 11 6.45 -22.29 -17.68
C LYS A 11 7.65 -22.44 -16.75
N SER A 12 7.45 -22.38 -15.44
CA SER A 12 8.51 -22.59 -14.47
C SER A 12 8.53 -24.03 -13.93
N GLY A 13 7.55 -24.84 -14.28
CA GLY A 13 7.40 -26.18 -13.75
C GLY A 13 6.01 -26.38 -13.16
N LYS A 14 5.78 -27.64 -12.77
CA LYS A 14 4.49 -28.03 -12.20
C LYS A 14 4.35 -27.54 -10.77
N VAL A 15 3.13 -27.18 -10.40
CA VAL A 15 2.79 -26.83 -9.02
C VAL A 15 1.56 -27.65 -8.61
N MET A 16 1.53 -28.06 -7.35
CA MET A 16 0.35 -28.69 -6.78
C MET A 16 -0.17 -27.82 -5.65
N GLY A 17 -1.42 -27.39 -5.78
CA GLY A 17 -2.08 -26.58 -4.79
C GLY A 17 -2.90 -27.42 -3.84
N THR A 18 -3.84 -26.76 -3.17
CA THR A 18 -4.64 -27.36 -2.12
C THR A 18 -6.06 -26.87 -2.22
N ARG A 19 -7.02 -27.76 -1.96
CA ARG A 19 -8.42 -27.39 -1.88
C ARG A 19 -8.66 -26.68 -0.55
N VAL A 20 -9.26 -25.50 -0.60
CA VAL A 20 -9.53 -24.77 0.64
C VAL A 20 -11.03 -24.51 0.74
N PRO A 21 -11.61 -24.66 1.93
CA PRO A 21 -13.03 -24.38 2.09
C PRO A 21 -13.25 -22.87 2.17
N VAL A 22 -14.42 -22.45 1.67
CA VAL A 22 -14.82 -21.05 1.73
C VAL A 22 -16.34 -20.97 1.67
N LEU A 23 -16.94 -20.48 2.76
CA LEU A 23 -18.38 -20.20 2.84
C LEU A 23 -19.23 -21.34 2.28
N SER A 24 -19.02 -22.53 2.84
CA SER A 24 -19.77 -23.75 2.54
C SER A 24 -19.47 -24.33 1.17
N SER A 25 -18.52 -23.76 0.43
CA SER A 25 -18.05 -24.35 -0.82
C SER A 25 -16.54 -24.58 -0.72
N HIS A 26 -15.86 -24.73 -1.85
CA HIS A 26 -14.41 -24.88 -1.85
C HIS A 26 -13.86 -24.18 -3.08
N ILE A 27 -12.56 -23.90 -3.04
CA ILE A 27 -11.82 -23.43 -4.22
C ILE A 27 -10.39 -23.95 -4.13
N SER A 28 -9.57 -23.62 -5.13
CA SER A 28 -8.19 -24.04 -5.18
C SER A 28 -7.30 -22.90 -4.71
N ALA A 29 -6.24 -23.24 -4.00
CA ALA A 29 -5.23 -22.27 -3.61
C ALA A 29 -3.87 -22.86 -3.93
N PHE A 30 -3.01 -22.03 -4.51
CA PHE A 30 -1.63 -22.36 -4.82
C PHE A 30 -0.79 -21.35 -4.06
N LEU A 31 -0.23 -21.79 -2.94
CA LEU A 31 0.38 -20.90 -1.96
C LEU A 31 1.88 -21.02 -2.02
N GLY A 32 2.56 -19.88 -1.92
CA GLY A 32 4.01 -19.84 -1.91
C GLY A 32 4.68 -20.34 -3.17
N ILE A 33 4.22 -19.86 -4.32
CA ILE A 33 4.90 -20.17 -5.58
C ILE A 33 6.05 -19.21 -5.74
N PRO A 34 7.27 -19.69 -5.93
CA PRO A 34 8.40 -18.78 -6.08
C PRO A 34 8.37 -18.12 -7.45
N PHE A 35 8.64 -16.83 -7.48
CA PHE A 35 8.76 -16.13 -8.76
C PHE A 35 10.13 -15.53 -8.96
N ALA A 36 11.03 -15.67 -7.99
CA ALA A 36 12.36 -15.11 -8.11
C ALA A 36 13.31 -16.03 -7.36
N GLU A 37 14.59 -15.94 -7.71
CA GLU A 37 15.59 -16.60 -6.88
C GLU A 37 15.61 -15.95 -5.49
N PRO A 38 15.88 -16.73 -4.45
CA PRO A 38 16.02 -16.14 -3.10
C PRO A 38 17.08 -15.08 -3.08
N PRO A 39 16.74 -13.81 -2.70
CA PRO A 39 17.71 -12.70 -2.76
C PRO A 39 18.63 -12.68 -1.54
N VAL A 40 19.39 -13.76 -1.36
CA VAL A 40 20.14 -14.00 -0.14
C VAL A 40 21.63 -13.92 -0.43
N GLY A 41 22.41 -13.76 0.63
CA GLY A 41 23.87 -13.78 0.52
C GLY A 41 24.40 -12.56 -0.23
N ASN A 42 25.24 -12.80 -1.23
CA ASN A 42 25.73 -11.72 -2.07
C ASN A 42 24.64 -11.11 -2.95
N MET A 43 23.44 -11.68 -2.98
CA MET A 43 22.33 -11.06 -3.70
C MET A 43 21.51 -10.08 -2.84
N ARG A 44 21.77 -10.00 -1.54
CA ARG A 44 21.10 -8.99 -0.72
C ARG A 44 21.37 -7.61 -1.31
N PHE A 45 20.30 -6.83 -1.45
CA PHE A 45 20.24 -5.50 -2.05
C PHE A 45 20.25 -5.53 -3.58
N ARG A 46 20.41 -6.69 -4.23
CA ARG A 46 20.46 -6.71 -5.69
CA ARG A 46 20.46 -6.75 -5.69
C ARG A 46 19.07 -6.77 -6.31
N ARG A 47 19.02 -6.42 -7.61
CA ARG A 47 17.79 -6.61 -8.37
C ARG A 47 17.42 -8.08 -8.35
N PRO A 48 16.13 -8.41 -8.31
CA PRO A 48 15.75 -9.83 -8.27
C PRO A 48 16.12 -10.54 -9.56
N GLU A 49 16.42 -11.83 -9.44
CA GLU A 49 16.60 -12.69 -10.61
C GLU A 49 15.41 -13.64 -10.75
N PRO A 50 15.04 -14.00 -11.98
CA PRO A 50 13.89 -14.90 -12.17
C PRO A 50 14.18 -16.29 -11.61
N LYS A 51 13.13 -16.94 -11.13
CA LYS A 51 13.30 -18.25 -10.52
C LYS A 51 13.66 -19.28 -11.58
N LYS A 52 14.76 -20.00 -11.37
CA LYS A 52 15.14 -21.07 -12.28
C LYS A 52 14.07 -22.15 -12.29
N PRO A 53 13.65 -22.63 -13.46
CA PRO A 53 12.64 -23.71 -13.51
C PRO A 53 13.04 -24.93 -12.72
N TRP A 54 12.07 -25.74 -12.32
CA TRP A 54 12.31 -26.92 -11.51
C TRP A 54 11.69 -28.15 -12.16
N SER A 55 12.30 -29.30 -11.90
CA SER A 55 11.69 -30.58 -12.19
C SER A 55 10.82 -31.01 -11.02
N GLY A 56 9.95 -31.97 -11.27
CA GLY A 56 9.08 -32.42 -10.22
C GLY A 56 7.96 -31.42 -9.95
N VAL A 57 7.19 -31.72 -8.91
CA VAL A 57 6.02 -30.95 -8.55
C VAL A 57 6.36 -30.05 -7.37
N TRP A 58 6.16 -28.75 -7.53
CA TRP A 58 6.36 -27.81 -6.43
C TRP A 58 5.15 -27.84 -5.52
N ASN A 59 5.40 -28.02 -4.23
CA ASN A 59 4.34 -28.18 -3.25
C ASN A 59 3.85 -26.78 -2.88
N ALA A 60 2.70 -26.39 -3.41
CA ALA A 60 2.16 -25.05 -3.24
C ALA A 60 0.97 -25.05 -2.28
N SER A 61 1.08 -25.84 -1.22
CA SER A 61 -0.04 -26.06 -0.33
C SER A 61 0.01 -25.25 0.96
N THR A 62 1.08 -24.47 1.18
CA THR A 62 1.21 -23.71 2.43
C THR A 62 1.78 -22.33 2.14
N TYR A 63 1.51 -21.41 3.05
CA TYR A 63 1.99 -20.04 2.91
C TYR A 63 3.51 -19.99 2.98
N PRO A 64 4.14 -19.05 2.30
CA PRO A 64 5.59 -18.93 2.37
C PRO A 64 5.99 -18.11 3.60
N ASN A 65 7.31 -18.03 3.82
CA ASN A 65 7.84 -17.09 4.81
C ASN A 65 7.46 -15.67 4.42
N ASN A 66 7.44 -14.78 5.42
CA ASN A 66 7.37 -13.34 5.16
C ASN A 66 8.77 -12.75 5.10
N CYS A 67 8.87 -11.57 4.48
CA CYS A 67 10.16 -10.91 4.33
C CYS A 67 10.62 -10.34 5.66
N GLN A 68 11.95 -10.20 5.80
CA GLN A 68 12.52 -9.64 7.02
C GLN A 68 12.05 -8.20 7.20
N GLN A 69 11.57 -7.87 8.41
CA GLN A 69 10.94 -6.58 8.61
C GLN A 69 10.90 -6.24 10.10
N TYR A 70 10.80 -4.94 10.37
CA TYR A 70 10.48 -4.46 11.70
C TYR A 70 9.14 -5.03 12.15
N VAL A 71 9.04 -5.40 13.41
CA VAL A 71 7.84 -6.05 13.95
C VAL A 71 7.26 -5.16 15.03
N ASP A 72 6.00 -4.76 14.85
CA ASP A 72 5.33 -3.88 15.81
C ASP A 72 5.08 -4.61 17.12
N GLU A 73 5.73 -4.13 18.19
CA GLU A 73 5.53 -4.61 19.55
C GLU A 73 5.01 -3.51 20.47
N GLN A 74 4.45 -2.44 19.88
CA GLN A 74 3.92 -1.36 20.69
C GLN A 74 2.83 -1.85 21.63
N PHE A 75 1.95 -2.72 21.16
CA PHE A 75 0.84 -3.24 21.96
C PHE A 75 0.90 -4.76 21.93
N PRO A 76 1.81 -5.36 22.69
CA PRO A 76 1.92 -6.83 22.70
C PRO A 76 0.60 -7.47 23.07
N GLY A 77 0.17 -8.44 22.26
CA GLY A 77 -1.07 -9.15 22.49
C GLY A 77 -2.31 -8.47 21.92
N PHE A 78 -2.24 -7.19 21.56
CA PHE A 78 -3.39 -6.48 21.05
C PHE A 78 -3.64 -6.87 19.59
N SER A 79 -4.82 -7.45 19.32
CA SER A 79 -5.11 -7.90 17.96
C SER A 79 -5.12 -6.76 16.94
N GLY A 80 -5.47 -5.55 17.39
CA GLY A 80 -5.51 -4.43 16.45
C GLY A 80 -4.17 -4.19 15.78
N SER A 81 -3.08 -4.38 16.52
CA SER A 81 -1.74 -4.26 15.94
C SER A 81 -1.20 -5.61 15.47
N GLU A 82 -1.47 -6.68 16.21
CA GLU A 82 -0.86 -7.97 15.88
C GLU A 82 -1.35 -8.49 14.54
N MET A 83 -2.57 -8.13 14.14
CA MET A 83 -3.10 -8.64 12.88
C MET A 83 -2.32 -8.15 11.67
N TRP A 84 -1.45 -7.16 11.82
CA TRP A 84 -0.63 -6.65 10.72
C TRP A 84 0.81 -7.15 10.77
N ASN A 85 1.22 -7.81 11.85
CA ASN A 85 2.58 -8.32 11.96
C ASN A 85 2.74 -9.60 11.15
N PRO A 86 3.98 -9.98 10.83
CA PRO A 86 4.19 -11.25 10.13
C PRO A 86 3.63 -12.41 10.95
N ASN A 87 2.88 -13.29 10.26
CA ASN A 87 2.32 -14.49 10.87
C ASN A 87 3.02 -15.77 10.40
N ARG A 88 4.07 -15.64 9.61
CA ARG A 88 4.97 -16.75 9.27
C ARG A 88 6.39 -16.36 9.70
N GLU A 89 7.29 -17.34 9.72
CA GLU A 89 8.69 -17.04 9.99
CA GLU A 89 8.69 -17.05 9.98
C GLU A 89 9.20 -16.01 8.99
N MET A 90 9.98 -15.06 9.49
CA MET A 90 10.60 -14.12 8.59
C MET A 90 11.84 -14.76 7.98
N SER A 91 12.13 -14.39 6.74
CA SER A 91 13.32 -14.89 6.07
C SER A 91 13.64 -14.00 4.88
N GLU A 92 14.93 -13.91 4.55
CA GLU A 92 15.29 -13.23 3.31
C GLU A 92 14.84 -14.02 2.10
N ASP A 93 14.61 -15.33 2.24
CA ASP A 93 14.00 -16.14 1.20
C ASP A 93 12.48 -15.95 1.27
N CYS A 94 11.97 -14.92 0.59
CA CYS A 94 10.57 -14.56 0.80
C CYS A 94 9.82 -14.15 -0.46
N LEU A 95 10.42 -14.28 -1.65
CA LEU A 95 9.80 -13.81 -2.88
C LEU A 95 8.88 -14.90 -3.42
N TYR A 96 7.65 -14.89 -2.95
CA TYR A 96 6.67 -15.91 -3.32
C TYR A 96 5.34 -15.24 -3.57
N LEU A 97 4.48 -15.93 -4.31
CA LEU A 97 3.15 -15.42 -4.56
C LEU A 97 2.14 -16.52 -4.30
N ASN A 98 0.89 -16.11 -4.15
CA ASN A 98 -0.24 -16.96 -3.80
C ASN A 98 -1.39 -16.68 -4.76
N ILE A 99 -2.09 -17.75 -5.15
CA ILE A 99 -3.14 -17.66 -6.16
C ILE A 99 -4.36 -18.40 -5.66
N TRP A 100 -5.50 -17.71 -5.60
CA TRP A 100 -6.80 -18.36 -5.34
C TRP A 100 -7.57 -18.48 -6.65
N VAL A 101 -8.06 -19.68 -6.95
CA VAL A 101 -8.62 -20.01 -8.25
C VAL A 101 -10.02 -20.59 -8.06
N PRO A 102 -11.04 -19.99 -8.66
CA PRO A 102 -12.39 -20.60 -8.61
C PRO A 102 -12.40 -22.05 -9.06
N SER A 103 -13.38 -22.79 -8.54
CA SER A 103 -13.55 -24.19 -8.84
C SER A 103 -14.98 -24.41 -9.35
N PRO A 104 -15.13 -25.00 -10.55
CA PRO A 104 -14.06 -25.54 -11.40
C PRO A 104 -13.23 -24.42 -12.00
N ARG A 105 -12.01 -24.75 -12.44
CA ARG A 105 -11.06 -23.72 -12.85
C ARG A 105 -11.59 -22.94 -14.05
N PRO A 106 -11.59 -21.62 -14.02
CA PRO A 106 -12.03 -20.84 -15.19
C PRO A 106 -11.13 -21.12 -16.39
N LYS A 107 -11.62 -20.75 -17.57
CA LYS A 107 -10.78 -20.82 -18.75
C LYS A 107 -9.98 -19.54 -18.97
N SER A 108 -10.58 -18.38 -18.75
CA SER A 108 -9.88 -17.12 -19.00
C SER A 108 -10.64 -15.96 -18.34
N THR A 109 -10.46 -15.77 -17.04
CA THR A 109 -11.26 -14.81 -16.31
C THR A 109 -10.42 -13.65 -15.77
N THR A 110 -11.14 -12.66 -15.24
CA THR A 110 -10.51 -11.48 -14.67
C THR A 110 -9.50 -11.87 -13.59
N VAL A 111 -8.39 -11.13 -13.56
CA VAL A 111 -7.30 -11.38 -12.62
C VAL A 111 -7.07 -10.12 -11.79
N MET A 112 -6.99 -10.30 -10.46
CA MET A 112 -6.59 -9.21 -9.56
C MET A 112 -5.35 -9.61 -8.78
N VAL A 113 -4.37 -8.71 -8.76
CA VAL A 113 -3.09 -8.90 -8.07
C VAL A 113 -2.99 -7.86 -6.96
N TRP A 114 -2.82 -8.34 -5.74
CA TRP A 114 -2.80 -7.53 -4.53
C TRP A 114 -1.36 -7.23 -4.10
N ILE A 115 -1.09 -5.96 -3.79
CA ILE A 115 0.23 -5.50 -3.32
C ILE A 115 0.04 -4.92 -1.91
N TYR A 116 0.61 -5.58 -0.91
CA TYR A 116 0.39 -5.13 0.46
C TYR A 116 1.13 -3.83 0.77
N GLY A 117 0.56 -3.05 1.69
CA GLY A 117 1.23 -1.89 2.23
C GLY A 117 2.07 -2.21 3.45
N GLY A 118 2.44 -1.16 4.19
CA GLY A 118 3.34 -1.28 5.33
C GLY A 118 4.51 -0.30 5.29
N GLY A 119 4.29 0.88 4.71
CA GLY A 119 5.30 1.94 4.71
C GLY A 119 6.61 1.60 4.02
N PHE A 120 6.62 0.59 3.14
CA PHE A 120 7.83 0.05 2.51
C PHE A 120 8.81 -0.51 3.53
N TYR A 121 8.45 -0.56 4.80
CA TYR A 121 9.28 -1.15 5.83
C TYR A 121 8.70 -2.43 6.43
N SER A 122 7.49 -2.85 6.03
CA SER A 122 6.82 -4.01 6.60
C SER A 122 5.71 -4.45 5.66
N GLY A 123 5.06 -5.55 6.02
CA GLY A 123 3.98 -6.09 5.22
C GLY A 123 4.17 -7.58 4.93
N SER A 124 3.04 -8.28 4.76
CA SER A 124 3.07 -9.71 4.51
C SER A 124 1.91 -10.05 3.60
N SER A 125 2.15 -10.95 2.67
CA SER A 125 1.10 -11.41 1.79
C SER A 125 0.14 -12.38 2.49
N THR A 126 0.50 -12.85 3.68
CA THR A 126 -0.14 -14.01 4.32
C THR A 126 -1.03 -13.62 5.49
N LEU A 127 -1.27 -12.33 5.70
CA LEU A 127 -2.15 -11.88 6.76
C LEU A 127 -3.54 -12.47 6.60
N ASP A 128 -4.22 -12.72 7.73
CA ASP A 128 -5.60 -13.19 7.68
C ASP A 128 -6.48 -12.27 6.85
N VAL A 129 -6.26 -10.95 6.95
CA VAL A 129 -7.13 -10.00 6.27
C VAL A 129 -6.82 -9.89 4.78
N TYR A 130 -5.77 -10.55 4.29
CA TYR A 130 -5.47 -10.59 2.86
C TYR A 130 -5.87 -11.92 2.21
N ASN A 131 -6.59 -12.78 2.93
CA ASN A 131 -7.01 -14.07 2.38
C ASN A 131 -7.91 -13.92 1.16
N GLY A 132 -7.38 -14.21 -0.04
CA GLY A 132 -8.09 -14.00 -1.28
C GLY A 132 -9.22 -14.98 -1.57
N LYS A 133 -9.51 -15.93 -0.69
CA LYS A 133 -10.47 -16.96 -1.08
C LYS A 133 -11.88 -16.39 -1.19
N TYR A 134 -12.26 -15.43 -0.33
CA TYR A 134 -13.62 -14.92 -0.37
C TYR A 134 -13.87 -14.12 -1.65
N LEU A 135 -12.91 -13.29 -2.03
CA LEU A 135 -13.03 -12.49 -3.23
C LEU A 135 -13.03 -13.37 -4.47
N ALA A 136 -12.02 -14.24 -4.58
CA ALA A 136 -11.95 -15.15 -5.72
C ALA A 136 -13.22 -15.95 -5.86
N TYR A 137 -13.75 -16.44 -4.74
CA TYR A 137 -14.92 -17.29 -4.79
C TYR A 137 -16.18 -16.48 -5.11
N THR A 138 -16.33 -15.33 -4.45
CA THR A 138 -17.57 -14.56 -4.61
C THR A 138 -17.66 -13.92 -5.99
N GLU A 139 -16.58 -13.29 -6.45
CA GLU A 139 -16.62 -12.54 -7.69
C GLU A 139 -16.09 -13.33 -8.89
N GLU A 140 -15.74 -14.61 -8.70
CA GLU A 140 -15.23 -15.48 -9.77
C GLU A 140 -14.00 -14.89 -10.45
N VAL A 141 -13.11 -14.30 -9.68
CA VAL A 141 -11.84 -13.83 -10.19
C VAL A 141 -10.73 -14.77 -9.72
N VAL A 142 -9.63 -14.76 -10.47
CA VAL A 142 -8.39 -15.39 -10.04
C VAL A 142 -7.63 -14.35 -9.22
N LEU A 143 -7.41 -14.63 -7.94
CA LEU A 143 -6.82 -13.65 -7.02
C LEU A 143 -5.37 -14.02 -6.74
N VAL A 144 -4.46 -13.10 -7.06
CA VAL A 144 -3.04 -13.23 -6.74
C VAL A 144 -2.67 -12.20 -5.67
N SER A 145 -1.84 -12.61 -4.73
CA SER A 145 -1.10 -11.68 -3.88
C SER A 145 0.39 -11.96 -4.04
N LEU A 146 1.17 -10.91 -4.27
CA LEU A 146 2.62 -11.03 -4.39
C LEU A 146 3.30 -10.64 -3.08
N SER A 147 4.63 -10.71 -3.08
CA SER A 147 5.43 -10.21 -1.96
C SER A 147 6.60 -9.44 -2.54
N TYR A 148 7.30 -8.71 -1.66
CA TYR A 148 8.44 -7.89 -2.08
C TYR A 148 9.25 -7.48 -0.86
N ARG A 149 10.55 -7.37 -1.07
CA ARG A 149 11.44 -6.97 0.01
C ARG A 149 11.07 -5.60 0.54
N VAL A 150 11.17 -5.43 1.85
CA VAL A 150 10.88 -4.13 2.46
C VAL A 150 12.10 -3.70 3.25
N GLY A 151 12.07 -2.49 3.81
CA GLY A 151 13.18 -2.08 4.66
C GLY A 151 14.44 -1.90 3.82
N ALA A 152 15.60 -1.97 4.50
CA ALA A 152 16.86 -1.86 3.79
C ALA A 152 16.99 -2.94 2.70
N PHE A 153 16.48 -4.14 2.97
CA PHE A 153 16.56 -5.24 2.03
C PHE A 153 15.87 -4.91 0.71
N GLY A 154 14.86 -4.03 0.75
CA GLY A 154 14.12 -3.70 -0.45
C GLY A 154 14.50 -2.37 -1.06
N PHE A 155 15.07 -1.44 -0.27
CA PHE A 155 15.19 -0.08 -0.75
C PHE A 155 16.46 0.64 -0.34
N LEU A 156 17.48 -0.06 0.15
CA LEU A 156 18.76 0.60 0.34
C LEU A 156 19.25 1.10 -1.01
N ALA A 157 19.53 2.40 -1.11
CA ALA A 157 19.83 3.02 -2.39
C ALA A 157 21.21 3.66 -2.36
N LEU A 158 22.16 3.05 -3.05
CA LEU A 158 23.47 3.66 -3.29
C LEU A 158 23.58 3.88 -4.80
N HIS A 159 23.08 5.02 -5.26
CA HIS A 159 22.90 5.23 -6.70
C HIS A 159 24.24 5.26 -7.42
N GLY A 160 24.25 4.68 -8.61
CA GLY A 160 25.47 4.50 -9.37
C GLY A 160 26.14 3.16 -9.14
N SER A 161 25.78 2.47 -8.06
CA SER A 161 26.22 1.12 -7.82
C SER A 161 25.22 0.14 -8.43
N GLN A 162 25.75 -0.96 -8.95
CA GLN A 162 24.91 -2.05 -9.43
C GLN A 162 24.67 -3.10 -8.37
N GLU A 163 25.38 -3.02 -7.23
CA GLU A 163 25.15 -3.95 -6.13
C GLU A 163 23.97 -3.55 -5.25
N ALA A 164 23.67 -2.25 -5.13
CA ALA A 164 22.56 -1.76 -4.31
C ALA A 164 21.96 -0.51 -4.95
N PRO A 165 21.32 -0.65 -6.10
CA PRO A 165 20.91 0.53 -6.88
C PRO A 165 19.66 1.20 -6.33
N GLY A 166 18.93 0.56 -5.43
CA GLY A 166 17.64 1.05 -4.98
C GLY A 166 16.49 0.41 -5.73
N ASN A 167 15.28 0.62 -5.20
CA ASN A 167 14.03 0.25 -5.85
C ASN A 167 13.87 -1.24 -6.09
N VAL A 168 14.68 -2.10 -5.47
CA VAL A 168 14.62 -3.51 -5.84
C VAL A 168 13.34 -4.18 -5.33
N GLY A 169 12.79 -3.72 -4.20
CA GLY A 169 11.46 -4.16 -3.79
C GLY A 169 10.40 -3.87 -4.84
N LEU A 170 10.52 -2.72 -5.53
CA LEU A 170 9.62 -2.43 -6.64
C LEU A 170 9.87 -3.40 -7.78
N LEU A 171 11.15 -3.68 -8.07
CA LEU A 171 11.49 -4.69 -9.07
C LEU A 171 11.01 -6.08 -8.67
N ASP A 172 10.98 -6.41 -7.36
CA ASP A 172 10.35 -7.65 -6.91
C ASP A 172 8.88 -7.70 -7.35
N GLN A 173 8.15 -6.62 -7.10
CA GLN A 173 6.75 -6.57 -7.51
C GLN A 173 6.64 -6.82 -9.01
N ARG A 174 7.48 -6.15 -9.81
CA ARG A 174 7.40 -6.28 -11.26
C ARG A 174 7.71 -7.70 -11.71
N MET A 175 8.66 -8.37 -11.05
CA MET A 175 8.97 -9.74 -11.42
CA MET A 175 8.97 -9.74 -11.41
C MET A 175 7.78 -10.65 -11.15
N ALA A 176 7.06 -10.41 -10.04
CA ALA A 176 5.83 -11.17 -9.79
C ALA A 176 4.78 -10.87 -10.86
N LEU A 177 4.67 -9.61 -11.28
CA LEU A 177 3.74 -9.25 -12.35
C LEU A 177 4.15 -9.86 -13.67
N GLN A 178 5.46 -9.94 -13.93
CA GLN A 178 5.95 -10.62 -15.12
C GLN A 178 5.59 -12.10 -15.06
N TRP A 179 5.66 -12.71 -13.88
CA TRP A 179 5.33 -14.12 -13.76
C TRP A 179 3.85 -14.35 -13.99
N VAL A 180 3.01 -13.42 -13.49
CA VAL A 180 1.57 -13.51 -13.71
C VAL A 180 1.27 -13.36 -15.19
N HIS A 181 1.92 -12.38 -15.84
CA HIS A 181 1.74 -12.17 -17.27
C HIS A 181 2.04 -13.43 -18.06
N ASP A 182 3.12 -14.11 -17.71
CA ASP A 182 3.55 -15.27 -18.47
C ASP A 182 2.81 -16.56 -18.11
N ASN A 183 2.23 -16.66 -16.91
CA ASN A 183 1.78 -17.98 -16.46
C ASN A 183 0.34 -18.05 -15.98
N ILE A 184 -0.32 -16.91 -15.73
CA ILE A 184 -1.64 -16.96 -15.11
C ILE A 184 -2.66 -17.66 -16.00
N GLN A 185 -2.37 -17.76 -17.30
CA GLN A 185 -3.29 -18.43 -18.22
C GLN A 185 -3.49 -19.88 -17.84
N PHE A 186 -2.50 -20.49 -17.20
CA PHE A 186 -2.63 -21.90 -16.85
C PHE A 186 -3.50 -22.10 -15.61
N PHE A 187 -3.76 -21.03 -14.86
CA PHE A 187 -4.68 -21.08 -13.73
C PHE A 187 -6.06 -20.60 -14.11
N GLY A 188 -6.34 -20.49 -15.39
CA GLY A 188 -7.60 -19.94 -15.86
C GLY A 188 -7.67 -18.43 -15.87
N GLY A 189 -6.58 -17.73 -15.59
CA GLY A 189 -6.59 -16.28 -15.63
C GLY A 189 -6.30 -15.73 -17.02
N ASP A 190 -6.86 -14.54 -17.28
CA ASP A 190 -6.63 -13.81 -18.53
C ASP A 190 -5.48 -12.82 -18.35
N PRO A 191 -4.30 -13.12 -18.91
CA PRO A 191 -3.15 -12.23 -18.67
C PRO A 191 -3.34 -10.82 -19.19
N LYS A 192 -4.31 -10.60 -20.08
CA LYS A 192 -4.50 -9.26 -20.62
C LYS A 192 -5.63 -8.51 -19.92
N THR A 193 -6.14 -9.07 -18.81
CA THR A 193 -7.14 -8.40 -17.98
C THR A 193 -6.70 -8.51 -16.51
N VAL A 194 -5.49 -8.04 -16.25
CA VAL A 194 -4.93 -8.03 -14.91
C VAL A 194 -5.11 -6.65 -14.30
N THR A 195 -5.71 -6.62 -13.11
CA THR A 195 -5.81 -5.40 -12.29
C THR A 195 -4.87 -5.54 -11.10
N ILE A 196 -3.94 -4.60 -10.97
CA ILE A 196 -3.14 -4.52 -9.75
C ILE A 196 -3.87 -3.62 -8.76
N PHE A 197 -3.79 -3.96 -7.48
CA PHE A 197 -4.38 -3.12 -6.47
C PHE A 197 -3.65 -3.30 -5.14
N GLY A 198 -3.63 -2.22 -4.36
CA GLY A 198 -2.86 -2.20 -3.14
C GLY A 198 -3.27 -1.04 -2.26
N GLU A 199 -2.91 -1.16 -0.99
CA GLU A 199 -3.31 -0.18 0.00
C GLU A 199 -2.07 0.45 0.60
N SER A 200 -2.16 1.76 0.84
CA SER A 200 -1.12 2.49 1.53
C SER A 200 0.14 2.46 0.65
N ALA A 201 1.26 1.92 1.14
CA ALA A 201 2.45 1.82 0.29
C ALA A 201 2.20 0.92 -0.91
N GLY A 202 1.28 -0.04 -0.80
CA GLY A 202 0.87 -0.81 -1.97
C GLY A 202 0.07 0.01 -2.97
N GLY A 203 -0.77 0.92 -2.48
CA GLY A 203 -1.40 1.87 -3.39
C GLY A 203 -0.37 2.77 -4.07
N ALA A 204 0.60 3.25 -3.32
CA ALA A 204 1.67 4.02 -3.94
C ALA A 204 2.48 3.17 -4.91
N SER A 205 2.72 1.90 -4.54
CA SER A 205 3.39 0.98 -5.47
C SER A 205 2.61 0.85 -6.76
N VAL A 206 1.29 0.63 -6.67
CA VAL A 206 0.44 0.56 -7.85
C VAL A 206 0.64 1.80 -8.72
N GLY A 207 0.60 2.98 -8.10
CA GLY A 207 0.80 4.20 -8.87
C GLY A 207 2.19 4.27 -9.49
N MET A 208 3.19 3.68 -8.83
CA MET A 208 4.54 3.77 -9.38
C MET A 208 4.68 2.90 -10.60
N HIS A 209 3.94 1.77 -10.66
CA HIS A 209 3.98 0.93 -11.84
C HIS A 209 3.23 1.57 -13.01
N ILE A 210 2.18 2.33 -12.71
CA ILE A 210 1.56 3.17 -13.73
C ILE A 210 2.60 4.10 -14.36
N LEU A 211 3.49 4.66 -13.54
CA LEU A 211 4.42 5.64 -14.06
C LEU A 211 5.61 5.01 -14.75
N SER A 212 6.21 3.99 -14.14
CA SER A 212 7.45 3.40 -14.65
C SER A 212 7.26 2.74 -16.01
N PRO A 213 7.94 3.20 -17.06
CA PRO A 213 7.79 2.55 -18.38
C PRO A 213 8.01 1.04 -18.37
N GLY A 214 8.97 0.54 -17.58
CA GLY A 214 9.21 -0.90 -17.55
C GLY A 214 8.16 -1.73 -16.86
N SER A 215 7.13 -1.09 -16.30
CA SER A 215 6.05 -1.81 -15.63
C SER A 215 4.72 -1.71 -16.35
N ARG A 216 4.54 -0.70 -17.22
CA ARG A 216 3.21 -0.38 -17.74
C ARG A 216 2.58 -1.54 -18.51
N ASP A 217 3.37 -2.27 -19.30
CA ASP A 217 2.79 -3.25 -20.20
C ASP A 217 2.38 -4.52 -19.49
N LEU A 218 2.65 -4.65 -18.19
CA LEU A 218 2.44 -5.89 -17.46
C LEU A 218 1.09 -5.97 -16.75
N PHE A 219 0.19 -4.99 -16.94
CA PHE A 219 -1.11 -5.04 -16.29
C PHE A 219 -2.07 -4.15 -17.08
N ARG A 220 -3.37 -4.36 -16.84
CA ARG A 220 -4.42 -3.70 -17.61
C ARG A 220 -4.90 -2.41 -16.96
N ARG A 221 -5.19 -2.43 -15.67
CA ARG A 221 -5.78 -1.30 -14.97
C ARG A 221 -5.39 -1.42 -13.50
N ALA A 222 -5.83 -0.45 -12.70
CA ALA A 222 -5.21 -0.23 -11.40
C ALA A 222 -6.21 0.28 -10.36
N ILE A 223 -6.08 -0.23 -9.14
CA ILE A 223 -6.82 0.26 -7.98
C ILE A 223 -5.81 0.70 -6.92
N LEU A 224 -5.99 1.91 -6.38
CA LEU A 224 -5.12 2.47 -5.35
C LEU A 224 -5.96 2.84 -4.12
N GLN A 225 -5.60 2.29 -2.97
CA GLN A 225 -6.32 2.59 -1.73
C GLN A 225 -5.38 3.30 -0.75
N SER A 226 -5.70 4.56 -0.43
CA SER A 226 -5.01 5.28 0.63
C SER A 226 -3.52 5.38 0.33
N GLY A 227 -3.18 5.64 -0.92
CA GLY A 227 -1.78 5.81 -1.28
C GLY A 227 -1.67 6.22 -2.72
N SER A 228 -0.65 7.00 -3.05
CA SER A 228 -0.46 7.40 -4.42
C SER A 228 1.03 7.65 -4.58
N PRO A 229 1.57 7.54 -5.79
CA PRO A 229 3.04 7.47 -5.91
C PRO A 229 3.75 8.73 -5.47
N ASN A 230 3.08 9.88 -5.52
CA ASN A 230 3.66 11.17 -5.20
C ASN A 230 3.55 11.52 -3.71
N CYS A 231 3.14 10.57 -2.87
CA CYS A 231 3.01 10.87 -1.45
C CYS A 231 4.35 11.32 -0.88
N PRO A 232 4.36 12.27 0.08
CA PRO A 232 5.65 12.79 0.57
C PRO A 232 6.48 11.73 1.28
N TRP A 233 5.88 10.64 1.74
CA TRP A 233 6.64 9.59 2.39
C TRP A 233 7.10 8.49 1.44
N ALA A 234 6.65 8.51 0.18
CA ALA A 234 6.83 7.34 -0.68
C ALA A 234 8.09 7.38 -1.54
N SER A 235 8.86 8.47 -1.54
CA SER A 235 10.11 8.42 -2.30
C SER A 235 11.10 9.41 -1.72
N VAL A 236 12.39 9.17 -2.00
CA VAL A 236 13.44 10.13 -1.66
C VAL A 236 14.30 10.35 -2.90
N SER A 237 15.09 11.42 -2.83
CA SER A 237 16.05 11.67 -3.88
C SER A 237 17.18 10.66 -3.81
N VAL A 238 17.96 10.64 -4.88
CA VAL A 238 19.12 9.77 -4.94
C VAL A 238 20.14 10.16 -3.88
N ALA A 239 20.33 11.47 -3.66
CA ALA A 239 21.26 11.94 -2.63
C ALA A 239 20.78 11.60 -1.22
N GLU A 240 19.47 11.69 -0.97
CA GLU A 240 18.99 11.39 0.37
C GLU A 240 19.02 9.89 0.62
N GLY A 241 18.66 9.08 -0.38
CA GLY A 241 18.81 7.64 -0.25
C GLY A 241 20.25 7.24 0.03
N ARG A 242 21.20 7.91 -0.65
CA ARG A 242 22.62 7.69 -0.40
C ARG A 242 22.97 8.03 1.04
N ARG A 243 22.51 9.19 1.53
CA ARG A 243 22.87 9.62 2.87
C ARG A 243 22.37 8.63 3.91
N ARG A 244 21.11 8.16 3.76
CA ARG A 244 20.56 7.19 4.71
C ARG A 244 21.34 5.88 4.66
N ALA A 245 21.74 5.42 3.47
CA ALA A 245 22.50 4.18 3.37
C ALA A 245 23.82 4.29 4.11
N VAL A 246 24.51 5.42 3.96
CA VAL A 246 25.75 5.65 4.70
C VAL A 246 25.47 5.75 6.20
N GLU A 247 24.43 6.50 6.57
CA GLU A 247 24.09 6.59 7.99
C GLU A 247 23.78 5.23 8.58
N LEU A 248 23.21 4.32 7.78
CA LEU A 248 22.97 2.96 8.27
C LEU A 248 24.27 2.24 8.56
N GLY A 249 25.19 2.21 7.58
CA GLY A 249 26.49 1.59 7.81
C GLY A 249 27.23 2.23 8.96
N ARG A 250 27.06 3.54 9.14
CA ARG A 250 27.65 4.20 10.30
C ARG A 250 27.05 3.69 11.62
N ASN A 251 25.76 3.34 11.63
CA ASN A 251 25.17 2.76 12.84
C ASN A 251 25.70 1.37 13.13
N LEU A 252 26.19 0.64 12.13
CA LEU A 252 26.71 -0.71 12.30
C LEU A 252 28.22 -0.76 12.19
N ASN A 253 28.90 0.37 12.41
CA ASN A 253 30.36 0.46 12.43
C ASN A 253 30.97 -0.08 11.14
N CYS A 254 30.36 0.28 10.02
CA CYS A 254 30.83 -0.21 8.73
C CYS A 254 31.97 0.66 8.21
N ASN A 255 32.84 0.04 7.42
CA ASN A 255 33.81 0.77 6.63
C ASN A 255 33.07 1.60 5.59
N LEU A 256 33.23 2.93 5.63
CA LEU A 256 32.49 3.82 4.75
C LEU A 256 33.34 4.42 3.64
N ASN A 257 34.52 3.86 3.38
CA ASN A 257 35.43 4.45 2.38
C ASN A 257 34.94 4.29 0.95
N SER A 258 34.05 3.33 0.66
CA SER A 258 33.53 3.19 -0.69
C SER A 258 32.18 2.50 -0.63
N ASP A 259 31.45 2.58 -1.75
CA ASP A 259 30.20 1.84 -1.85
C ASP A 259 30.46 0.35 -1.67
N GLU A 260 31.57 -0.14 -2.20
CA GLU A 260 31.87 -1.56 -2.16
C GLU A 260 32.18 -2.02 -0.74
N GLU A 261 32.96 -1.24 0.00
CA GLU A 261 33.18 -1.53 1.42
C GLU A 261 31.86 -1.45 2.20
N LEU A 262 31.09 -0.39 1.99
CA LEU A 262 29.83 -0.23 2.71
C LEU A 262 28.89 -1.41 2.42
N ILE A 263 28.62 -1.68 1.14
CA ILE A 263 27.69 -2.76 0.81
C ILE A 263 28.21 -4.09 1.36
N HIS A 264 29.52 -4.32 1.32
CA HIS A 264 30.04 -5.60 1.81
C HIS A 264 29.79 -5.77 3.30
N CYS A 265 29.98 -4.71 4.08
CA CYS A 265 29.72 -4.79 5.51
C CYS A 265 28.25 -5.06 5.78
N LEU A 266 27.36 -4.34 5.10
CA LEU A 266 25.92 -4.56 5.29
C LEU A 266 25.47 -5.96 4.90
N ARG A 267 26.18 -6.64 4.00
CA ARG A 267 25.79 -8.00 3.65
C ARG A 267 26.33 -9.05 4.62
N GLU A 268 27.31 -8.71 5.45
CA GLU A 268 27.72 -9.63 6.50
C GLU A 268 26.85 -9.54 7.75
N LYS A 269 26.05 -8.48 7.90
CA LYS A 269 25.21 -8.33 9.07
C LYS A 269 23.99 -9.25 8.99
N LYS A 270 23.61 -9.82 10.13
CA LYS A 270 22.36 -10.57 10.19
C LYS A 270 21.20 -9.60 9.99
N PRO A 271 20.08 -10.07 9.42
CA PRO A 271 18.99 -9.15 9.08
C PRO A 271 18.50 -8.30 10.25
N GLN A 272 18.38 -8.88 11.43
CA GLN A 272 17.87 -8.14 12.58
C GLN A 272 18.82 -7.01 13.01
N GLU A 273 20.12 -7.14 12.71
CA GLU A 273 21.04 -6.03 12.97
C GLU A 273 20.69 -4.80 12.14
N LEU A 274 20.29 -5.03 10.88
CA LEU A 274 19.82 -3.93 10.04
C LEU A 274 18.51 -3.35 10.57
N ILE A 275 17.56 -4.23 10.90
CA ILE A 275 16.28 -3.77 11.43
C ILE A 275 16.45 -3.01 12.74
N ASP A 276 17.40 -3.41 13.58
CA ASP A 276 17.57 -2.78 14.89
C ASP A 276 17.93 -1.30 14.82
N VAL A 277 18.52 -0.82 13.72
CA VAL A 277 18.97 0.56 13.62
C VAL A 277 18.30 1.31 12.49
N GLU A 278 17.43 0.63 11.74
CA GLU A 278 16.80 1.22 10.55
C GLU A 278 16.18 2.58 10.82
N TRP A 279 15.62 2.79 12.01
CA TRP A 279 14.92 4.04 12.24
C TRP A 279 15.85 5.18 12.64
N ASN A 280 17.13 4.91 12.88
CA ASN A 280 18.04 5.97 13.30
C ASN A 280 18.53 6.85 12.15
N VAL A 281 18.23 6.50 10.89
CA VAL A 281 18.78 7.20 9.74
C VAL A 281 17.85 8.29 9.21
N LEU A 282 16.66 8.45 9.79
CA LEU A 282 15.74 9.49 9.33
C LEU A 282 16.34 10.87 9.56
N PRO A 283 16.11 11.83 8.66
CA PRO A 283 16.77 13.14 8.80
C PRO A 283 16.11 14.03 9.83
N PHE A 284 14.79 13.93 10.02
CA PHE A 284 14.08 14.80 10.92
C PHE A 284 13.35 14.03 12.02
N ASP A 285 13.06 14.73 13.11
CA ASP A 285 12.12 14.23 14.10
C ASP A 285 10.73 14.35 13.48
N SER A 286 10.13 13.22 13.13
CA SER A 286 9.00 13.26 12.22
C SER A 286 8.03 12.13 12.54
N ILE A 287 6.82 12.24 12.01
CA ILE A 287 5.92 11.11 11.95
C ILE A 287 5.56 10.92 10.49
N PHE A 288 5.14 9.70 10.16
CA PHE A 288 4.72 9.36 8.80
C PHE A 288 5.89 9.48 7.83
N ARG A 289 7.08 9.08 8.27
CA ARG A 289 8.25 8.98 7.40
C ARG A 289 9.03 7.71 7.68
N PHE A 290 9.51 7.08 6.62
CA PHE A 290 10.09 5.74 6.71
C PHE A 290 11.47 5.78 6.10
N SER A 291 12.36 4.93 6.60
CA SER A 291 13.77 5.06 6.29
C SER A 291 14.07 4.71 4.83
N PHE A 292 13.72 3.49 4.39
CA PHE A 292 14.13 3.00 3.07
C PHE A 292 12.93 2.85 2.16
N VAL A 293 12.84 3.73 1.17
CA VAL A 293 11.67 3.84 0.31
C VAL A 293 12.13 4.01 -1.14
N PRO A 294 11.24 3.95 -2.14
CA PRO A 294 11.68 4.14 -3.53
C PRO A 294 12.49 5.41 -3.74
N VAL A 295 13.44 5.34 -4.69
CA VAL A 295 14.34 6.44 -5.02
C VAL A 295 14.08 6.87 -6.46
N ILE A 296 14.00 8.18 -6.67
CA ILE A 296 13.84 8.74 -8.00
C ILE A 296 15.17 8.66 -8.74
N ASP A 297 15.40 7.58 -9.47
CA ASP A 297 16.74 7.19 -9.87
C ASP A 297 17.07 7.46 -11.33
N GLY A 298 16.11 7.94 -12.12
CA GLY A 298 16.37 8.11 -13.54
C GLY A 298 16.26 6.86 -14.37
N GLU A 299 16.02 5.69 -13.76
CA GLU A 299 15.81 4.45 -14.48
C GLU A 299 14.39 3.96 -14.25
N PHE A 300 14.07 3.47 -13.06
CA PHE A 300 12.70 3.05 -12.77
C PHE A 300 11.74 4.22 -12.94
N PHE A 301 12.10 5.39 -12.43
CA PHE A 301 11.37 6.62 -12.70
C PHE A 301 12.25 7.48 -13.60
N PRO A 302 11.89 7.71 -14.87
CA PRO A 302 12.81 8.41 -15.77
C PRO A 302 13.15 9.83 -15.33
N THR A 303 12.17 10.58 -14.84
CA THR A 303 12.38 11.92 -14.28
C THR A 303 11.53 12.02 -13.03
N SER A 304 11.41 13.25 -12.52
CA SER A 304 10.67 13.45 -11.29
C SER A 304 9.21 13.06 -11.46
N LEU A 305 8.58 12.67 -10.35
CA LEU A 305 7.19 12.25 -10.43
C LEU A 305 6.31 13.39 -10.95
N GLU A 306 6.61 14.63 -10.54
CA GLU A 306 5.74 15.74 -10.88
C GLU A 306 5.80 16.07 -12.37
N SER A 307 6.99 16.00 -12.98
CA SER A 307 7.05 16.27 -14.41
C SER A 307 6.45 15.12 -15.21
N MET A 308 6.57 13.89 -14.71
CA MET A 308 5.90 12.77 -15.37
C MET A 308 4.39 12.97 -15.33
N LEU A 309 3.85 13.33 -14.17
CA LEU A 309 2.42 13.61 -14.05
C LEU A 309 2.00 14.77 -14.94
N ASN A 310 2.80 15.83 -14.98
CA ASN A 310 2.44 17.01 -15.77
C ASN A 310 2.42 16.71 -17.25
N SER A 311 3.36 15.90 -17.73
CA SER A 311 3.51 15.65 -19.16
C SER A 311 2.68 14.47 -19.66
N GLY A 312 1.91 13.81 -18.79
CA GLY A 312 1.22 12.62 -19.23
C GLY A 312 2.13 11.43 -19.48
N ASN A 313 3.32 11.41 -18.88
CA ASN A 313 4.26 10.31 -19.07
C ASN A 313 3.89 9.21 -18.07
N PHE A 314 2.89 8.41 -18.44
CA PHE A 314 2.40 7.29 -17.62
C PHE A 314 1.38 6.48 -18.40
N LYS A 315 1.11 5.27 -17.91
CA LYS A 315 0.12 4.41 -18.54
C LYS A 315 -1.24 5.07 -18.55
N LYS A 316 -1.90 5.04 -19.69
CA LYS A 316 -3.23 5.62 -19.83
C LYS A 316 -4.25 4.48 -19.87
N THR A 317 -5.04 4.38 -18.82
CA THR A 317 -6.01 3.30 -18.64
C THR A 317 -7.09 3.81 -17.67
N GLN A 318 -7.90 2.89 -17.13
CA GLN A 318 -8.87 3.24 -16.09
C GLN A 318 -8.26 3.00 -14.70
N ILE A 319 -8.60 3.88 -13.76
CA ILE A 319 -8.18 3.70 -12.37
C ILE A 319 -9.39 3.86 -11.47
N LEU A 320 -9.30 3.20 -10.31
CA LEU A 320 -10.26 3.35 -9.23
C LEU A 320 -9.47 3.53 -7.94
N LEU A 321 -9.80 4.56 -7.17
CA LEU A 321 -8.97 4.91 -6.02
C LEU A 321 -9.78 5.71 -5.00
N GLY A 322 -9.21 5.81 -3.82
CA GLY A 322 -9.89 6.55 -2.78
C GLY A 322 -9.16 6.44 -1.47
N VAL A 323 -9.78 7.01 -0.44
CA VAL A 323 -9.15 7.20 0.86
C VAL A 323 -10.16 6.82 1.94
N ASN A 324 -9.63 6.65 3.16
CA ASN A 324 -10.47 6.52 4.34
C ASN A 324 -10.55 7.85 5.09
N LYS A 325 -11.60 7.98 5.90
CA LYS A 325 -11.90 9.26 6.54
C LYS A 325 -10.80 9.71 7.51
N ASP A 326 -10.19 8.79 8.26
CA ASP A 326 -9.26 9.16 9.33
C ASP A 326 -7.89 8.55 9.05
N GLU A 327 -7.25 9.05 7.98
CA GLU A 327 -5.94 8.57 7.59
C GLU A 327 -4.87 8.85 8.65
N GLY A 328 -5.02 9.90 9.44
CA GLY A 328 -3.94 10.30 10.32
C GLY A 328 -3.80 9.59 11.66
N SER A 329 -4.85 8.95 12.16
CA SER A 329 -4.89 8.62 13.58
C SER A 329 -3.84 7.60 13.97
N PHE A 330 -3.53 6.64 13.10
N PHE A 330 -3.54 6.64 13.10
CA PHE A 330 -2.59 5.59 13.43
CA PHE A 330 -2.60 5.58 13.44
C PHE A 330 -1.21 6.17 13.76
C PHE A 330 -1.23 6.16 13.77
N PHE A 331 -0.72 7.07 12.92
N PHE A 331 -0.77 7.10 12.95
CA PHE A 331 0.62 7.58 13.11
CA PHE A 331 0.59 7.61 13.06
C PHE A 331 0.71 8.59 14.24
C PHE A 331 0.71 8.64 14.18
N LEU A 332 -0.38 9.32 14.51
N LEU A 332 -0.40 9.31 14.51
CA LEU A 332 -0.40 10.14 15.71
CA LEU A 332 -0.40 10.14 15.71
C LEU A 332 -0.39 9.27 16.96
N LEU A 333 -1.16 8.17 16.97
CA LEU A 333 -1.15 7.27 18.11
C LEU A 333 0.25 6.79 18.44
N TYR A 334 1.00 6.39 17.41
CA TYR A 334 2.31 5.77 17.60
C TYR A 334 3.41 6.78 17.85
N GLY A 335 3.30 7.99 17.31
CA GLY A 335 4.43 8.90 17.41
C GLY A 335 4.20 10.29 17.99
N ALA A 336 2.98 10.64 18.35
CA ALA A 336 2.82 12.04 18.70
C ALA A 336 2.45 12.19 20.17
N PRO A 337 3.02 13.19 20.86
CA PRO A 337 2.69 13.38 22.27
C PRO A 337 1.20 13.71 22.46
N GLY A 338 0.63 13.18 23.54
CA GLY A 338 -0.75 13.43 23.90
C GLY A 338 -1.73 12.34 23.50
N PHE A 339 -1.38 11.50 22.53
CA PHE A 339 -2.24 10.44 22.03
C PHE A 339 -1.89 9.13 22.71
N SER A 340 -2.89 8.45 23.24
CA SER A 340 -2.68 7.10 23.77
C SER A 340 -3.86 6.21 23.39
N LYS A 341 -3.61 4.90 23.40
CA LYS A 341 -4.61 3.96 22.90
C LYS A 341 -5.80 3.86 23.84
N ASP A 342 -5.61 4.06 25.14
CA ASP A 342 -6.66 3.80 26.10
C ASP A 342 -7.32 5.07 26.62
N SER A 343 -7.05 6.23 26.02
CA SER A 343 -7.77 7.42 26.45
C SER A 343 -8.42 8.08 25.24
N GLU A 344 -9.19 9.14 25.50
CA GLU A 344 -9.83 9.93 24.46
C GLU A 344 -8.83 10.80 23.69
N SER A 345 -7.61 10.96 24.20
CA SER A 345 -6.54 11.67 23.50
C SER A 345 -6.95 13.10 23.16
N LYS A 346 -7.58 13.77 24.11
CA LYS A 346 -7.80 15.20 23.99
C LYS A 346 -6.46 15.92 24.05
N ILE A 347 -6.20 16.78 23.07
CA ILE A 347 -4.88 17.34 22.83
C ILE A 347 -4.84 18.79 23.34
N SER A 348 -3.87 19.07 24.22
CA SER A 348 -3.60 20.45 24.62
C SER A 348 -3.09 21.26 23.43
N ARG A 349 -3.05 22.59 23.61
CA ARG A 349 -2.53 23.42 22.53
C ARG A 349 -1.03 23.24 22.36
N GLU A 350 -0.32 22.86 23.40
CA GLU A 350 1.09 22.61 23.29
C GLU A 350 1.31 21.33 22.52
N ASP A 351 0.56 20.31 22.85
CA ASP A 351 0.72 19.05 22.13
C ASP A 351 0.26 19.18 20.68
N PHE A 352 -0.73 20.03 20.42
CA PHE A 352 -1.10 20.33 19.05
C PHE A 352 0.10 20.86 18.27
N MET A 353 0.83 21.81 18.87
CA MET A 353 1.93 22.44 18.16
C MET A 353 3.08 21.47 17.94
N SER A 354 3.44 20.70 18.97
CA SER A 354 4.40 19.60 18.79
C SER A 354 3.98 18.69 17.64
N GLY A 355 2.69 18.30 17.61
CA GLY A 355 2.20 17.46 16.53
C GLY A 355 2.34 18.10 15.16
N VAL A 356 2.09 19.42 15.08
CA VAL A 356 2.26 20.10 13.80
C VAL A 356 3.70 20.03 13.32
N LYS A 357 4.63 20.21 14.25
CA LYS A 357 6.06 20.13 13.93
C LYS A 357 6.44 18.75 13.42
N LEU A 358 5.98 17.69 14.10
CA LEU A 358 6.28 16.33 13.66
C LEU A 358 5.64 16.02 12.31
N SER A 359 4.46 16.56 12.02
CA SER A 359 3.72 16.17 10.82
C SER A 359 4.26 16.82 9.56
N VAL A 360 4.89 17.99 9.67
CA VAL A 360 5.41 18.68 8.50
C VAL A 360 6.88 18.95 8.77
N PRO A 361 7.73 17.92 8.76
CA PRO A 361 9.11 18.08 9.26
C PRO A 361 10.00 18.96 8.40
N HIS A 362 9.64 19.18 7.15
CA HIS A 362 10.44 19.96 6.23
C HIS A 362 10.14 21.45 6.28
N ALA A 363 9.18 21.87 7.11
CA ALA A 363 8.70 23.23 7.09
C ALA A 363 9.50 24.14 8.01
N ASN A 364 9.60 25.41 7.62
CA ASN A 364 10.12 26.44 8.50
C ASN A 364 8.99 26.97 9.38
N ASP A 365 9.32 27.96 10.20
CA ASP A 365 8.35 28.45 11.19
C ASP A 365 7.15 29.08 10.50
N LEU A 366 7.38 29.87 9.46
CA LEU A 366 6.26 30.44 8.71
C LEU A 366 5.33 29.35 8.19
N GLY A 367 5.91 28.26 7.68
CA GLY A 367 5.09 27.16 7.21
C GLY A 367 4.27 26.52 8.31
N LEU A 368 4.88 26.30 9.47
CA LEU A 368 4.15 25.72 10.60
C LEU A 368 3.04 26.66 11.07
N ASP A 369 3.30 27.97 11.05
CA ASP A 369 2.25 28.92 11.39
C ASP A 369 1.08 28.81 10.42
N ALA A 370 1.39 28.62 9.12
CA ALA A 370 0.34 28.48 8.12
C ALA A 370 -0.50 27.23 8.40
N VAL A 371 0.15 26.08 8.64
CA VAL A 371 -0.57 24.85 8.95
C VAL A 371 -1.41 25.04 10.20
N THR A 372 -0.83 25.64 11.24
CA THR A 372 -1.55 25.83 12.50
C THR A 372 -2.75 26.73 12.31
N LEU A 373 -2.56 27.88 11.65
CA LEU A 373 -3.68 28.77 11.35
C LEU A 373 -4.78 28.03 10.59
N GLN A 374 -4.38 27.19 9.63
CA GLN A 374 -5.33 26.55 8.74
C GLN A 374 -6.25 25.59 9.48
N TYR A 375 -5.74 24.93 10.52
CA TYR A 375 -6.45 23.84 11.17
C TYR A 375 -6.92 24.17 12.58
N THR A 376 -6.83 25.43 13.00
CA THR A 376 -7.23 25.84 14.34
C THR A 376 -8.57 26.55 14.26
N ASP A 377 -9.50 26.16 15.13
CA ASP A 377 -10.73 26.92 15.36
C ASP A 377 -10.41 27.99 16.39
N TRP A 378 -10.19 29.22 15.93
CA TRP A 378 -9.77 30.27 16.85
C TRP A 378 -10.87 30.75 17.78
N MET A 379 -12.14 30.42 17.50
CA MET A 379 -13.20 30.67 18.47
C MET A 379 -13.08 29.76 19.68
N ASP A 380 -12.21 28.75 19.64
CA ASP A 380 -12.25 27.65 20.60
C ASP A 380 -10.97 26.83 20.55
N ASP A 381 -9.81 27.49 20.68
CA ASP A 381 -8.52 26.87 20.39
C ASP A 381 -8.01 25.95 21.50
N ASN A 382 -8.69 25.88 22.65
CA ASN A 382 -8.31 24.99 23.74
C ASN A 382 -9.27 23.82 23.90
N ASN A 383 -10.11 23.57 22.90
CA ASN A 383 -10.94 22.37 22.85
C ASN A 383 -10.06 21.20 22.45
N GLY A 384 -9.84 20.26 23.37
CA GLY A 384 -8.95 19.14 23.10
C GLY A 384 -9.45 18.17 22.05
N ILE A 385 -10.78 18.07 21.91
CA ILE A 385 -11.36 17.27 20.84
C ILE A 385 -10.99 17.87 19.48
N LYS A 386 -11.17 19.19 19.35
CA LYS A 386 -10.88 19.87 18.08
C LYS A 386 -9.39 19.84 17.77
N ASN A 387 -8.54 20.04 18.78
CA ASN A 387 -7.10 19.91 18.56
C ASN A 387 -6.74 18.49 18.13
N ARG A 388 -7.36 17.48 18.74
CA ARG A 388 -7.11 16.10 18.34
C ARG A 388 -7.53 15.86 16.91
N ASP A 389 -8.79 16.19 16.59
CA ASP A 389 -9.31 15.99 15.24
C ASP A 389 -8.58 16.87 14.23
N GLY A 390 -8.17 18.08 14.64
CA GLY A 390 -7.40 18.94 13.75
C GLY A 390 -6.08 18.31 13.34
N LEU A 391 -5.36 17.72 14.32
CA LEU A 391 -4.11 17.04 13.99
C LEU A 391 -4.36 15.81 13.14
N ASP A 392 -5.42 15.06 13.44
CA ASP A 392 -5.79 13.93 12.61
C ASP A 392 -5.90 14.36 11.15
N ASP A 393 -6.65 15.43 10.89
CA ASP A 393 -6.81 15.92 9.52
C ASP A 393 -5.49 16.39 8.92
N ILE A 394 -4.67 17.11 9.69
CA ILE A 394 -3.36 17.53 9.18
C ILE A 394 -2.57 16.33 8.67
N VAL A 395 -2.46 15.29 9.49
CA VAL A 395 -1.62 14.16 9.12
C VAL A 395 -2.19 13.45 7.91
N GLY A 396 -3.51 13.23 7.87
CA GLY A 396 -4.10 12.54 6.74
C GLY A 396 -4.13 13.37 5.47
N ASP A 397 -4.51 14.65 5.58
CA ASP A 397 -4.51 15.51 4.41
C ASP A 397 -3.13 15.56 3.78
N HIS A 398 -2.11 15.88 4.59
CA HIS A 398 -0.77 16.10 4.07
C HIS A 398 -0.18 14.83 3.48
N ASN A 399 -0.37 13.69 4.16
CA ASN A 399 0.32 12.47 3.75
C ASN A 399 -0.48 11.57 2.81
N VAL A 400 -1.80 11.65 2.78
CA VAL A 400 -2.54 10.68 1.97
C VAL A 400 -3.54 11.37 1.04
N ILE A 401 -4.51 12.10 1.61
CA ILE A 401 -5.63 12.59 0.83
C ILE A 401 -5.18 13.61 -0.21
N CYS A 402 -4.41 14.63 0.20
CA CYS A 402 -4.11 15.67 -0.78
C CYS A 402 -3.08 15.23 -1.82
N PRO A 403 -2.07 14.40 -1.47
CA PRO A 403 -1.28 13.76 -2.55
C PRO A 403 -2.14 12.97 -3.51
N LEU A 404 -3.08 12.17 -3.01
CA LEU A 404 -3.92 11.37 -3.90
C LEU A 404 -4.76 12.27 -4.80
N MET A 405 -5.34 13.33 -4.22
CA MET A 405 -6.18 14.23 -5.00
C MET A 405 -5.36 14.95 -6.05
N HIS A 406 -4.09 15.25 -5.75
CA HIS A 406 -3.21 15.80 -6.79
C HIS A 406 -3.02 14.79 -7.91
N PHE A 407 -2.71 13.54 -7.55
CA PHE A 407 -2.55 12.47 -8.53
C PHE A 407 -3.81 12.27 -9.36
N VAL A 408 -4.97 12.22 -8.69
CA VAL A 408 -6.26 12.09 -9.37
C VAL A 408 -6.39 13.15 -10.46
N ASN A 409 -6.13 14.40 -10.09
CA ASN A 409 -6.43 15.50 -11.02
C ASN A 409 -5.42 15.52 -12.17
N LYS A 410 -4.16 15.18 -11.91
CA LYS A 410 -3.20 15.07 -13.01
C LYS A 410 -3.51 13.87 -13.89
N TYR A 411 -3.87 12.72 -13.28
CA TYR A 411 -4.10 11.52 -14.07
C TYR A 411 -5.29 11.68 -15.00
N THR A 412 -6.36 12.31 -14.50
CA THR A 412 -7.62 12.32 -15.24
C THR A 412 -7.50 13.06 -16.56
N LYS A 413 -6.60 14.04 -16.66
CA LYS A 413 -6.41 14.77 -17.90
C LYS A 413 -5.98 13.86 -19.04
N PHE A 414 -5.30 12.74 -18.73
CA PHE A 414 -4.80 11.85 -19.77
C PHE A 414 -5.38 10.44 -19.72
N GLY A 415 -5.98 10.02 -18.61
CA GLY A 415 -6.44 8.66 -18.45
C GLY A 415 -7.74 8.38 -19.20
N ASN A 416 -8.20 7.12 -19.08
CA ASN A 416 -9.42 6.70 -19.76
C ASN A 416 -10.58 6.42 -18.82
N GLY A 417 -10.51 6.91 -17.59
CA GLY A 417 -11.62 6.70 -16.68
C GLY A 417 -11.13 6.61 -15.26
N THR A 418 -11.68 7.45 -14.39
CA THR A 418 -11.30 7.55 -13.00
C THR A 418 -12.55 7.39 -12.16
N TYR A 419 -12.52 6.48 -11.19
CA TYR A 419 -13.57 6.40 -10.17
C TYR A 419 -12.97 6.67 -8.80
N LEU A 420 -13.60 7.58 -8.04
CA LEU A 420 -13.09 8.05 -6.76
C LEU A 420 -14.05 7.72 -5.61
N TYR A 421 -13.51 7.22 -4.51
CA TYR A 421 -14.34 6.85 -3.36
C TYR A 421 -13.78 7.47 -2.07
N PHE A 422 -14.68 7.60 -1.09
CA PHE A 422 -14.36 8.09 0.26
C PHE A 422 -14.99 7.08 1.22
N PHE A 423 -14.17 6.20 1.80
CA PHE A 423 -14.63 5.14 2.69
C PHE A 423 -14.76 5.70 4.10
N ASN A 424 -15.99 5.80 4.61
CA ASN A 424 -16.16 6.41 5.93
C ASN A 424 -17.09 5.60 6.81
N HIS A 425 -17.01 4.28 6.72
CA HIS A 425 -17.70 3.42 7.67
C HIS A 425 -16.69 2.90 8.67
N ARG A 426 -17.01 3.02 9.95
CA ARG A 426 -16.18 2.46 11.00
C ARG A 426 -16.75 1.09 11.37
N ALA A 427 -15.92 0.05 11.26
CA ALA A 427 -16.39 -1.31 11.52
C ALA A 427 -16.84 -1.48 12.96
N SER A 428 -17.92 -2.24 13.14
CA SER A 428 -18.55 -2.37 14.45
C SER A 428 -17.74 -3.21 15.42
N ASN A 429 -16.81 -4.03 14.92
CA ASN A 429 -15.97 -4.87 15.75
C ASN A 429 -14.54 -4.36 15.81
N LEU A 430 -14.34 -3.06 15.58
CA LEU A 430 -13.02 -2.48 15.66
C LEU A 430 -12.57 -2.43 17.12
N VAL A 431 -11.35 -2.87 17.40
CA VAL A 431 -10.85 -2.87 18.76
C VAL A 431 -10.07 -1.59 19.10
N TRP A 432 -9.60 -0.83 18.11
CA TRP A 432 -8.94 0.45 18.36
C TRP A 432 -9.94 1.46 18.93
N PRO A 433 -9.48 2.45 19.69
CA PRO A 433 -10.43 3.36 20.35
C PRO A 433 -11.22 4.19 19.35
N GLU A 434 -12.36 4.71 19.84
CA GLU A 434 -13.28 5.47 18.99
C GLU A 434 -12.62 6.71 18.39
N TRP A 435 -11.73 7.38 19.13
CA TRP A 435 -11.19 8.65 18.64
C TRP A 435 -10.42 8.49 17.34
N MET A 436 -9.93 7.27 17.04
CA MET A 436 -9.18 7.06 15.81
C MET A 436 -10.09 6.96 14.59
N GLY A 437 -11.39 6.74 14.78
CA GLY A 437 -12.34 6.86 13.68
C GLY A 437 -12.18 5.74 12.66
N VAL A 438 -12.32 6.12 11.39
CA VAL A 438 -12.23 5.17 10.28
C VAL A 438 -10.76 5.11 9.88
N ILE A 439 -10.06 4.15 10.46
CA ILE A 439 -8.61 4.08 10.42
CA ILE A 439 -8.61 4.08 10.43
C ILE A 439 -8.17 3.53 9.07
C ILE A 439 -8.10 3.55 9.10
N HIS A 440 -7.07 4.08 8.54
N HIS A 440 -6.97 4.09 8.68
CA HIS A 440 -6.56 3.58 7.27
CA HIS A 440 -6.05 3.49 7.71
C HIS A 440 -6.28 2.09 7.40
C HIS A 440 -6.13 1.97 7.70
N GLY A 441 -6.46 1.39 6.29
N GLY A 441 -6.36 1.39 6.52
CA GLY A 441 -6.33 -0.05 6.29
CA GLY A 441 -6.31 -0.05 6.35
C GLY A 441 -7.57 -0.80 6.72
N TYR A 442 -8.54 -0.15 7.33
CA TYR A 442 -9.70 -0.90 7.79
C TYR A 442 -10.82 -0.94 6.77
N GLU A 443 -10.58 -0.51 5.53
CA GLU A 443 -11.43 -0.93 4.42
C GLU A 443 -10.98 -2.25 3.79
N ILE A 444 -9.72 -2.66 4.01
CA ILE A 444 -9.22 -3.90 3.41
C ILE A 444 -10.15 -5.08 3.70
N GLU A 445 -10.58 -5.20 4.96
CA GLU A 445 -11.41 -6.35 5.32
C GLU A 445 -12.74 -6.36 4.57
N PHE A 446 -13.24 -5.19 4.16
CA PHE A 446 -14.46 -5.18 3.37
C PHE A 446 -14.17 -5.60 1.93
N VAL A 447 -13.02 -5.17 1.40
CA VAL A 447 -12.58 -5.53 0.05
C VAL A 447 -12.33 -7.02 -0.06
N PHE A 448 -11.69 -7.61 0.95
CA PHE A 448 -11.44 -9.05 0.93
C PHE A 448 -12.60 -9.88 1.49
N GLY A 449 -13.73 -9.25 1.78
CA GLY A 449 -14.94 -10.02 2.04
C GLY A 449 -15.06 -10.66 3.41
N LEU A 450 -14.32 -10.18 4.40
CA LEU A 450 -14.42 -10.79 5.73
C LEU A 450 -15.80 -10.66 6.38
N PRO A 451 -16.58 -9.57 6.21
CA PRO A 451 -17.92 -9.53 6.84
C PRO A 451 -18.85 -10.64 6.41
N LEU A 452 -18.54 -11.41 5.36
CA LEU A 452 -19.37 -12.53 4.97
C LEU A 452 -19.22 -13.72 5.91
N VAL A 453 -18.12 -13.80 6.64
CA VAL A 453 -17.85 -14.88 7.59
C VAL A 453 -18.58 -14.57 8.90
N LYS A 454 -19.61 -15.35 9.21
CA LYS A 454 -20.50 -14.98 10.32
C LYS A 454 -19.77 -15.01 11.66
N GLU A 455 -18.90 -16.00 11.87
CA GLU A 455 -18.16 -16.06 13.14
C GLU A 455 -17.32 -14.81 13.41
N LEU A 456 -17.14 -13.93 12.44
CA LEU A 456 -16.42 -12.69 12.67
C LEU A 456 -17.32 -11.54 13.14
N ASN A 457 -18.62 -11.79 13.34
CA ASN A 457 -19.47 -10.89 14.10
C ASN A 457 -19.59 -9.50 13.48
N TYR A 458 -19.75 -9.45 12.15
CA TYR A 458 -20.07 -8.18 11.52
C TYR A 458 -21.60 -8.03 11.47
N THR A 459 -22.06 -6.80 11.27
CA THR A 459 -23.49 -6.62 11.10
C THR A 459 -23.92 -7.08 9.72
N ALA A 460 -25.23 -7.35 9.58
CA ALA A 460 -25.83 -7.63 8.28
C ALA A 460 -25.49 -6.54 7.27
N GLU A 461 -25.66 -5.27 7.67
CA GLU A 461 -25.40 -4.17 6.76
C GLU A 461 -23.93 -4.11 6.36
N GLU A 462 -23.03 -4.47 7.27
CA GLU A 462 -21.62 -4.54 6.92
C GLU A 462 -21.35 -5.64 5.90
N GLU A 463 -22.05 -6.77 6.02
CA GLU A 463 -21.93 -7.81 5.01
C GLU A 463 -22.41 -7.30 3.67
N ALA A 464 -23.56 -6.60 3.65
CA ALA A 464 -24.01 -5.99 2.41
C ALA A 464 -22.95 -5.05 1.84
N LEU A 465 -22.38 -4.19 2.70
CA LEU A 465 -21.37 -3.24 2.23
C LEU A 465 -20.16 -3.94 1.64
N SER A 466 -19.73 -5.03 2.26
CA SER A 466 -18.59 -5.78 1.73
C SER A 466 -18.91 -6.34 0.35
N ARG A 467 -20.11 -6.89 0.19
CA ARG A 467 -20.50 -7.47 -1.09
C ARG A 467 -20.58 -6.40 -2.17
N ARG A 468 -21.07 -5.22 -1.80
CA ARG A 468 -21.11 -4.10 -2.74
CA ARG A 468 -21.11 -4.10 -2.74
C ARG A 468 -19.70 -3.68 -3.15
N ILE A 469 -18.78 -3.60 -2.18
CA ILE A 469 -17.42 -3.17 -2.47
C ILE A 469 -16.69 -4.21 -3.32
N MET A 470 -16.80 -5.48 -2.94
CA MET A 470 -16.18 -6.55 -3.71
C MET A 470 -16.69 -6.56 -5.15
N HIS A 471 -18.00 -6.32 -5.33
CA HIS A 471 -18.57 -6.31 -6.67
C HIS A 471 -18.13 -5.07 -7.46
N TYR A 472 -18.01 -3.90 -6.81
CA TYR A 472 -17.39 -2.75 -7.47
C TYR A 472 -15.97 -3.06 -7.93
N TRP A 473 -15.11 -3.51 -7.01
CA TRP A 473 -13.70 -3.72 -7.36
C TRP A 473 -13.56 -4.75 -8.48
N ALA A 474 -14.36 -5.82 -8.43
CA ALA A 474 -14.21 -6.90 -9.40
C ALA A 474 -14.86 -6.54 -10.73
N THR A 475 -16.01 -5.86 -10.70
CA THR A 475 -16.58 -5.40 -11.96
C THR A 475 -15.66 -4.40 -12.65
N PHE A 476 -15.05 -3.51 -11.87
CA PHE A 476 -14.10 -2.57 -12.46
C PHE A 476 -12.91 -3.32 -13.07
N ALA A 477 -12.35 -4.27 -12.32
CA ALA A 477 -11.24 -5.08 -12.84
C ALA A 477 -11.61 -5.73 -14.16
N LYS A 478 -12.85 -6.24 -14.28
CA LYS A 478 -13.27 -6.96 -15.46
C LYS A 478 -13.52 -6.04 -16.64
N THR A 479 -14.10 -4.86 -16.40
CA THR A 479 -14.61 -4.02 -17.47
C THR A 479 -14.04 -2.61 -17.50
N GLY A 480 -13.31 -2.17 -16.48
CA GLY A 480 -12.92 -0.78 -16.40
C GLY A 480 -13.98 0.17 -15.86
N ASN A 481 -15.14 -0.37 -15.40
CA ASN A 481 -16.24 0.44 -14.85
C ASN A 481 -16.84 -0.34 -13.68
N PRO A 482 -16.91 0.24 -12.48
CA PRO A 482 -17.43 -0.51 -11.32
C PRO A 482 -18.94 -0.77 -11.38
N ASN A 483 -19.67 -0.15 -12.30
CA ASN A 483 -21.12 -0.30 -12.36
C ASN A 483 -21.53 -1.45 -13.26
N GLU A 484 -22.59 -2.15 -12.85
CA GLU A 484 -23.22 -3.12 -13.73
C GLU A 484 -23.91 -2.40 -14.89
N PRO A 485 -23.79 -2.91 -16.12
CA PRO A 485 -24.42 -2.24 -17.26
C PRO A 485 -25.92 -2.00 -17.11
N HIS A 486 -26.71 -3.07 -16.98
CA HIS A 486 -28.16 -2.96 -17.06
C HIS A 486 -28.85 -3.37 -15.76
N SER A 487 -28.24 -3.03 -14.63
CA SER A 487 -28.92 -3.10 -13.35
C SER A 487 -29.25 -1.70 -12.87
N GLN A 488 -30.12 -1.60 -11.86
CA GLN A 488 -30.29 -0.32 -11.21
C GLN A 488 -29.13 -0.14 -10.23
N GLU A 489 -29.42 0.12 -8.96
CA GLU A 489 -28.45 0.62 -7.99
C GLU A 489 -27.85 1.91 -8.54
N SER A 490 -28.03 3.02 -7.82
CA SER A 490 -27.52 4.29 -8.30
C SER A 490 -26.05 4.18 -8.66
N LYS A 491 -25.66 4.87 -9.74
CA LYS A 491 -24.37 4.65 -10.37
C LYS A 491 -23.26 5.46 -9.71
N TRP A 492 -22.14 4.80 -9.44
CA TRP A 492 -20.87 5.45 -9.13
C TRP A 492 -20.49 6.31 -10.33
N PRO A 493 -20.55 7.64 -10.22
CA PRO A 493 -20.24 8.49 -11.37
C PRO A 493 -18.75 8.49 -11.68
N LEU A 494 -18.45 8.71 -12.95
CA LEU A 494 -17.09 8.97 -13.38
C LEU A 494 -16.55 10.26 -12.75
N PHE A 495 -15.33 10.21 -12.22
CA PHE A 495 -14.65 11.43 -11.79
C PHE A 495 -14.14 12.18 -13.01
N THR A 496 -14.48 13.45 -13.12
CA THR A 496 -14.06 14.25 -14.25
C THR A 496 -13.35 15.51 -13.76
N THR A 497 -12.61 16.11 -14.69
CA THR A 497 -11.97 17.38 -14.40
C THR A 497 -12.96 18.45 -13.95
N LYS A 498 -14.17 18.51 -14.55
CA LYS A 498 -15.06 19.60 -14.15
C LYS A 498 -15.92 19.23 -12.93
N GLU A 499 -16.47 17.99 -12.84
CA GLU A 499 -17.28 17.75 -11.65
C GLU A 499 -16.45 17.38 -10.43
N GLN A 500 -15.43 16.55 -10.60
CA GLN A 500 -14.70 15.98 -9.45
C GLN A 500 -15.67 15.21 -8.54
N LYS A 501 -16.57 14.46 -9.18
CA LYS A 501 -17.54 13.64 -8.45
C LYS A 501 -16.88 12.43 -7.79
N PHE A 502 -17.39 12.09 -6.62
CA PHE A 502 -16.96 10.88 -5.93
C PHE A 502 -18.12 10.36 -5.12
N ILE A 503 -18.01 9.12 -4.66
CA ILE A 503 -19.01 8.57 -3.77
C ILE A 503 -18.39 8.29 -2.42
N ASP A 504 -19.23 8.21 -1.40
CA ASP A 504 -18.79 7.63 -0.15
C ASP A 504 -19.23 6.18 -0.07
N LEU A 505 -18.44 5.38 0.65
CA LEU A 505 -18.69 3.95 0.85
C LEU A 505 -18.97 3.72 2.32
N ASN A 506 -20.22 3.39 2.64
CA ASN A 506 -20.58 3.04 4.00
C ASN A 506 -21.89 2.27 3.94
N THR A 507 -22.51 2.02 5.09
CA THR A 507 -23.73 1.22 5.11
C THR A 507 -24.98 2.02 4.78
N GLU A 508 -24.87 3.34 4.62
CA GLU A 508 -26.01 4.16 4.24
C GLU A 508 -26.17 4.15 2.71
N PRO A 509 -27.36 4.49 2.20
CA PRO A 509 -27.54 4.57 0.74
C PRO A 509 -26.55 5.58 0.17
N MET A 510 -25.83 5.18 -0.88
CA MET A 510 -24.67 5.95 -1.30
C MET A 510 -25.08 7.35 -1.74
N LYS A 511 -24.22 8.34 -1.44
CA LYS A 511 -24.37 9.69 -1.98
C LYS A 511 -23.16 10.04 -2.83
N VAL A 512 -23.40 10.93 -3.78
CA VAL A 512 -22.39 11.53 -4.63
C VAL A 512 -22.03 12.89 -4.06
N HIS A 513 -20.74 13.20 -4.02
CA HIS A 513 -20.25 14.49 -3.59
C HIS A 513 -19.28 15.04 -4.64
N GLN A 514 -18.75 16.23 -4.42
CA GLN A 514 -17.79 16.83 -5.33
C GLN A 514 -16.64 17.47 -4.57
N ARG A 515 -15.45 17.38 -5.16
CA ARG A 515 -14.27 18.09 -4.70
C ARG A 515 -13.88 17.68 -3.27
N LEU A 516 -13.46 16.41 -3.18
CA LEU A 516 -12.96 15.84 -1.93
C LEU A 516 -11.92 16.75 -1.28
N ARG A 517 -12.29 17.30 -0.12
CA ARG A 517 -11.44 18.16 0.73
C ARG A 517 -10.68 19.20 -0.08
N VAL A 518 -11.38 19.86 -1.02
CA VAL A 518 -10.69 20.74 -1.94
C VAL A 518 -10.06 21.93 -1.21
N GLN A 519 -10.71 22.41 -0.16
CA GLN A 519 -10.19 23.57 0.56
C GLN A 519 -8.84 23.26 1.18
N MET A 520 -8.76 22.17 1.93
CA MET A 520 -7.47 21.83 2.52
C MET A 520 -6.45 21.45 1.46
N CYS A 521 -6.85 20.82 0.36
CA CYS A 521 -5.84 20.41 -0.60
C CYS A 521 -5.33 21.56 -1.47
N VAL A 522 -6.11 22.63 -1.66
CA VAL A 522 -5.49 23.82 -2.24
C VAL A 522 -4.40 24.34 -1.32
N PHE A 523 -4.59 24.22 -0.01
CA PHE A 523 -3.54 24.63 0.92
C PHE A 523 -2.31 23.75 0.78
N TRP A 524 -2.49 22.43 0.83
CA TRP A 524 -1.36 21.51 0.81
C TRP A 524 -0.71 21.42 -0.57
N ASN A 525 -1.52 21.37 -1.63
CA ASN A 525 -0.94 21.14 -2.95
C ASN A 525 -0.52 22.42 -3.66
N GLN A 526 -1.05 23.57 -3.30
CA GLN A 526 -0.69 24.79 -4.03
C GLN A 526 -0.09 25.88 -3.15
N PHE A 527 -0.71 26.19 -2.01
CA PHE A 527 -0.23 27.33 -1.25
C PHE A 527 1.05 27.00 -0.46
N LEU A 528 1.03 25.94 0.34
CA LEU A 528 2.17 25.72 1.21
C LEU A 528 3.47 25.47 0.45
N PRO A 529 3.49 24.69 -0.65
CA PRO A 529 4.71 24.62 -1.47
C PRO A 529 5.22 25.98 -1.94
N LYS A 530 4.36 26.84 -2.47
CA LYS A 530 4.81 28.16 -2.88
C LYS A 530 5.34 28.97 -1.69
N LEU A 531 4.82 28.74 -0.49
CA LEU A 531 5.30 29.50 0.66
C LEU A 531 6.71 29.03 1.05
N LEU A 532 6.89 27.71 1.14
CA LEU A 532 8.21 27.17 1.48
C LEU A 532 9.23 27.49 0.39
N ASN A 533 8.80 27.52 -0.88
CA ASN A 533 9.69 27.90 -1.96
C ASN A 533 10.17 29.36 -1.82
N ALA A 534 9.32 30.24 -1.27
CA ALA A 534 9.67 31.64 -1.13
C ALA A 534 10.45 31.95 0.14
N THR A 535 10.46 31.07 1.12
CA THR A 535 11.12 31.34 2.40
C THR A 535 12.24 30.34 2.67
O1 NTJ B . 1.83 1.63 4.03
P1 NTJ B . 0.87 2.53 4.74
N1 NTJ B . 1.35 4.08 4.95
C2 NTJ B . 0.59 5.16 4.34
C1 NTJ B . 2.76 4.28 4.80
O2 NTJ B . 0.40 1.89 6.14
C3 NTJ B . 1.18 2.19 7.29
C4 NTJ B . 2.08 1.06 7.77
C1 NAG C . -11.75 5.11 -23.35
C2 NAG C . -12.53 6.43 -23.41
C3 NAG C . -13.53 6.37 -24.56
C4 NAG C . -12.79 6.09 -25.86
C5 NAG C . -11.91 4.83 -25.74
C6 NAG C . -11.05 4.60 -26.96
C7 NAG C . -12.84 7.77 -21.38
C8 NAG C . -13.61 7.93 -20.10
N2 NAG C . -13.19 6.74 -22.16
O3 NAG C . -14.22 7.62 -24.62
O4 NAG C . -13.70 5.92 -26.95
O5 NAG C . -11.05 4.91 -24.59
O6 NAG C . -9.65 4.67 -26.71
O7 NAG C . -11.92 8.54 -21.68
C1 NAG D . 3.54 -29.88 1.43
C2 NAG D . 3.29 -31.35 1.78
C3 NAG D . 2.54 -31.46 3.10
C4 NAG D . 3.34 -30.76 4.20
C5 NAG D . 3.57 -29.31 3.83
C6 NAG D . 4.46 -28.57 4.81
C7 NAG D . 3.17 -32.83 -0.18
C8 NAG D . 4.66 -32.98 -0.03
N2 NAG D . 2.58 -32.03 0.72
O3 NAG D . 2.32 -32.82 3.42
O4 NAG D . 2.66 -30.84 5.45
O5 NAG D . 4.23 -29.23 2.54
O6 NAG D . 4.63 -29.29 6.02
O7 NAG D . 2.55 -33.40 -1.06
C1 EDO E . -9.19 -0.46 -21.93
O1 EDO E . -10.19 -1.44 -22.28
C2 EDO E . -8.51 -0.86 -20.62
O2 EDO E . -7.10 -0.53 -20.63
C1 PGE F . 13.23 1.82 17.16
O1 PGE F . 13.35 0.42 17.37
C2 PGE F . 11.76 2.18 17.05
O2 PGE F . 11.61 3.57 16.86
C3 PGE F . 10.27 3.98 16.67
C4 PGE F . 9.87 3.75 15.23
O4 PGE F . 5.66 3.02 13.29
C6 PGE F . 6.80 2.40 13.88
C5 PGE F . 7.63 3.47 14.57
O3 PGE F . 8.76 2.88 15.17
C1 EDO G . 2.03 1.31 12.57
O1 EDO G . 0.93 0.39 12.46
C2 EDO G . 1.54 2.66 13.10
O2 EDO G . 1.05 3.48 12.04
C1 EDO H . 25.30 -13.07 7.50
O1 EDO H . 25.52 -14.48 7.54
C2 EDO H . 24.10 -12.77 6.61
O2 EDO H . 23.00 -13.61 7.00
C1 PEG I . 10.74 -27.38 -16.05
O1 PEG I . 12.11 -27.51 -16.30
C2 PEG I . 10.22 -26.30 -17.03
O2 PEG I . 8.98 -26.82 -17.45
C3 PEG I . 8.15 -25.89 -18.13
C4 PEG I . 8.77 -25.77 -19.54
O4 PEG I . 7.72 -25.96 -20.45
C1 PEG J . -4.03 -25.14 -18.75
O1 PEG J . -2.80 -25.44 -18.16
C2 PEG J . -5.01 -25.11 -17.56
O2 PEG J . -6.24 -24.66 -18.08
C3 PEG J . -6.44 -23.27 -17.94
C4 PEG J . -7.94 -23.11 -18.18
O4 PEG J . -8.54 -24.18 -17.50
C1 PEG K . -1.68 -0.43 10.40
O1 PEG K . -0.36 -0.86 10.13
C2 PEG K . -2.58 -0.88 9.22
O2 PEG K . -1.84 -0.62 8.05
C3 PEG K . -1.97 -1.65 7.10
C4 PEG K . -0.66 -1.81 6.32
O4 PEG K . -0.82 -0.91 5.27
C1 PEG L . 4.09 -24.35 -21.36
O1 PEG L . 5.44 -24.59 -21.67
C2 PEG L . 3.88 -25.11 -20.03
O2 PEG L . 2.47 -25.26 -19.85
C3 PEG L . 1.87 -26.15 -20.82
C4 PEG L . 0.91 -27.10 -20.03
O4 PEG L . 1.08 -28.38 -20.60
C1 PEG M . -15.66 14.82 2.58
O1 PEG M . -15.28 15.42 3.81
C2 PEG M . -16.49 13.59 3.00
O2 PEG M . -17.79 13.70 2.39
C3 PEG M . -18.71 12.82 2.99
C4 PEG M . -19.95 13.70 3.26
O4 PEG M . -20.62 13.13 4.36
#